data_6EL4
#
_entry.id   6EL4
#
_cell.length_a   51.074
_cell.length_b   57.982
_cell.length_c   60.923
_cell.angle_alpha   90.00
_cell.angle_beta   109.85
_cell.angle_gamma   90.00
#
_symmetry.space_group_name_H-M   'P 1 21 1'
#
loop_
_entity.id
_entity.type
_entity.pdbx_description
1 polymer 'Aromatic peroxygenase'
2 non-polymer 'PROTOPORPHYRIN IX CONTAINING FE'
3 non-polymer 'MAGNESIUM ION'
4 non-polymer 'CHLORIDE ION'
5 non-polymer 2-acetamido-2-deoxy-beta-D-glucopyranose
6 non-polymer 'PHOSPHATE ION'
7 non-polymer GLYCEROL
8 non-polymer 'Veratryl alcohol'
9 water water
#
_entity_poly.entity_id   1
_entity_poly.type   'polypeptide(L)'
_entity_poly.pdbx_seq_one_letter_code
;EPGLPPGPLENSSAKLVNDEAHPWKPLRPGDIRGPCPGLNTLASHGYLPRNGVATPAQIINAVQEGFNFDNQAAIFATYA
AHLVDGNLITDLLSIGRKTRLTGPDPPPPASVGGLNEHGTFEGDASMTRGDAFFGNNHDFNETLFEQLVDYSNRFGGGKY
NLTVAGELRFKRIQDSIATNPNFSFVDFRFFTAYGETTFPANLFVDGRRDDGQLDMDAARSFFQFSRMPDDFFRAPSPRS
GTGVEVVVQAHPMQPGRNVGKINSYTVDPTSSDFSTPCLMYEKFVNITVKSLYPNPTVQLRKALNTNLDFLFQGVAAGCT
QVFPYGRD
;
_entity_poly.pdbx_strand_id   A
#
# COMPACT_ATOMS: atom_id res chain seq x y z
N PRO A 2 10.79 -13.08 -14.95
CA PRO A 2 10.28 -12.93 -13.59
C PRO A 2 10.30 -14.24 -12.79
N GLY A 3 10.57 -14.15 -11.49
CA GLY A 3 10.51 -15.32 -10.61
C GLY A 3 9.08 -15.64 -10.24
N LEU A 4 8.82 -16.86 -9.79
CA LEU A 4 7.48 -17.22 -9.32
C LEU A 4 7.18 -16.49 -8.02
N PRO A 5 5.89 -16.17 -7.77
CA PRO A 5 5.54 -15.60 -6.49
C PRO A 5 5.92 -16.57 -5.36
N PRO A 6 6.59 -16.08 -4.30
CA PRO A 6 6.85 -16.95 -3.16
C PRO A 6 5.57 -17.49 -2.53
N GLY A 7 5.68 -18.66 -1.91
CA GLY A 7 4.57 -19.23 -1.16
C GLY A 7 4.50 -18.67 0.24
N PRO A 8 3.51 -19.10 1.03
CA PRO A 8 3.41 -18.68 2.43
C PRO A 8 4.59 -19.13 3.27
N LEU A 9 4.75 -18.52 4.44
CA LEU A 9 5.81 -18.90 5.36
C LEU A 9 5.64 -20.34 5.82
N GLU A 10 6.75 -21.04 5.93
CA GLU A 10 6.77 -22.40 6.48
C GLU A 10 6.46 -22.35 7.98
N ASN A 11 7.03 -21.35 8.65
CA ASN A 11 6.81 -21.12 10.07
C ASN A 11 6.39 -19.66 10.26
N SER A 12 5.12 -19.45 10.60
CA SER A 12 4.55 -18.10 10.75
C SER A 12 4.40 -17.65 12.21
N SER A 13 5.19 -18.21 13.12
CA SER A 13 5.17 -17.80 14.53
C SER A 13 5.68 -16.37 14.72
N ALA A 14 5.29 -15.73 15.83
CA ALA A 14 5.91 -14.48 16.22
C ALA A 14 7.38 -14.74 16.52
N LYS A 15 8.24 -13.80 16.13
CA LYS A 15 9.66 -13.90 16.44
C LYS A 15 10.28 -12.53 16.35
N LEU A 16 11.46 -12.39 16.93
CA LEU A 16 12.22 -11.15 16.81
C LEU A 16 12.59 -10.92 15.35
N VAL A 17 12.18 -9.78 14.82
CA VAL A 17 12.55 -9.39 13.44
C VAL A 17 13.51 -8.21 13.39
N ASN A 18 13.63 -7.46 14.48
CA ASN A 18 14.69 -6.47 14.63
C ASN A 18 15.88 -7.17 15.26
N ASP A 19 16.56 -7.97 14.44
CA ASP A 19 17.62 -8.87 14.90
C ASP A 19 19.00 -8.50 14.31
N GLU A 20 20.03 -9.25 14.70
CA GLU A 20 21.40 -8.93 14.30
C GLU A 20 21.60 -8.87 12.77
N ALA A 21 20.91 -9.75 12.04
CA ALA A 21 20.99 -9.78 10.59
C ALA A 21 20.22 -8.64 9.90
N HIS A 22 19.33 -7.97 10.63
CA HIS A 22 18.45 -6.92 10.05
C HIS A 22 18.43 -5.64 10.89
N PRO A 23 19.61 -5.00 11.06
CA PRO A 23 19.69 -3.78 11.83
C PRO A 23 19.14 -2.59 11.05
N TRP A 24 18.56 -1.62 11.76
CA TRP A 24 18.20 -0.36 11.14
C TRP A 24 19.46 0.40 10.78
N LYS A 25 19.46 0.98 9.58
CA LYS A 25 20.51 1.91 9.18
C LYS A 25 19.89 3.14 8.54
N PRO A 26 20.54 4.29 8.70
CA PRO A 26 20.07 5.52 8.08
C PRO A 26 20.23 5.48 6.56
N LEU A 27 19.56 6.39 5.88
CA LEU A 27 19.66 6.47 4.44
C LEU A 27 21.03 6.95 3.99
N ARG A 28 21.52 6.35 2.90
CA ARG A 28 22.70 6.82 2.18
C ARG A 28 22.20 7.67 1.02
N PRO A 29 23.10 8.51 0.43
CA PRO A 29 22.71 9.24 -0.77
C PRO A 29 22.22 8.30 -1.86
N GLY A 30 21.06 8.61 -2.44
CA GLY A 30 20.46 7.77 -3.47
C GLY A 30 19.48 6.70 -2.98
N ASP A 31 19.45 6.42 -1.67
CA ASP A 31 18.49 5.45 -1.14
C ASP A 31 17.07 6.01 -1.24
N ILE A 32 16.14 5.18 -1.70
CA ILE A 32 14.78 5.60 -2.00
C ILE A 32 13.80 5.08 -0.96
N ARG A 33 13.01 6.00 -0.39
CA ARG A 33 11.86 5.63 0.43
C ARG A 33 10.65 6.37 -0.10
N GLY A 34 9.47 5.79 0.13
CA GLY A 34 8.23 6.25 -0.47
C GLY A 34 7.06 6.36 0.48
N PRO A 35 5.84 6.20 -0.05
CA PRO A 35 4.63 6.42 0.74
C PRO A 35 4.23 5.27 1.66
N CYS A 36 4.90 4.12 1.56
CA CYS A 36 4.54 2.95 2.36
C CYS A 36 5.49 2.77 3.54
N PRO A 37 5.02 2.99 4.78
CA PRO A 37 5.89 2.76 5.93
C PRO A 37 6.32 1.30 6.14
N GLY A 38 5.53 0.34 5.65
CA GLY A 38 5.91 -1.08 5.74
C GLY A 38 7.12 -1.39 4.89
N LEU A 39 7.03 -1.09 3.60
CA LEU A 39 8.15 -1.34 2.69
C LEU A 39 9.36 -0.49 3.07
N ASN A 40 9.12 0.76 3.46
CA ASN A 40 10.22 1.62 3.90
C ASN A 40 10.99 0.99 5.04
N THR A 41 10.26 0.45 6.02
CA THR A 41 10.88 -0.16 7.20
C THR A 41 11.66 -1.42 6.80
N LEU A 42 11.09 -2.22 5.91
CA LEU A 42 11.77 -3.41 5.43
C LEU A 42 13.08 -3.07 4.72
N ALA A 43 13.07 -2.01 3.91
CA ALA A 43 14.30 -1.54 3.26
C ALA A 43 15.32 -1.04 4.28
N SER A 44 14.86 -0.27 5.26
CA SER A 44 15.76 0.30 6.27
C SER A 44 16.29 -0.70 7.30
N HIS A 45 15.75 -1.92 7.31
CA HIS A 45 16.30 -3.04 8.09
C HIS A 45 16.96 -4.11 7.22
N GLY A 46 17.06 -3.87 5.91
CA GLY A 46 17.72 -4.81 5.01
C GLY A 46 16.95 -6.08 4.70
N TYR A 47 15.64 -6.12 4.98
CA TYR A 47 14.77 -7.19 4.49
C TYR A 47 14.55 -7.05 2.98
N LEU A 48 14.58 -5.80 2.52
CA LEU A 48 14.67 -5.44 1.12
C LEU A 48 16.03 -4.78 0.89
N PRO A 49 16.46 -4.68 -0.38
CA PRO A 49 17.64 -3.87 -0.68
C PRO A 49 17.52 -2.47 -0.09
N ARG A 50 18.59 -2.00 0.55
CA ARG A 50 18.53 -0.75 1.31
C ARG A 50 18.35 0.49 0.43
N ASN A 51 18.64 0.37 -0.87
CA ASN A 51 18.38 1.47 -1.80
C ASN A 51 16.91 1.62 -2.23
N GLY A 52 16.04 0.70 -1.80
CA GLY A 52 14.61 0.81 -2.09
C GLY A 52 14.19 0.40 -3.49
N VAL A 53 15.03 -0.37 -4.18
CA VAL A 53 14.67 -0.93 -5.49
C VAL A 53 14.71 -2.44 -5.34
N ALA A 54 13.62 -3.11 -5.72
CA ALA A 54 13.47 -4.54 -5.45
C ALA A 54 12.65 -5.26 -6.51
N THR A 55 12.79 -6.58 -6.55
CA THR A 55 11.95 -7.42 -7.38
C THR A 55 10.65 -7.74 -6.64
N PRO A 56 9.58 -8.09 -7.38
CA PRO A 56 8.35 -8.52 -6.72
C PRO A 56 8.55 -9.67 -5.73
N ALA A 57 9.37 -10.66 -6.09
CA ALA A 57 9.65 -11.77 -5.19
C ALA A 57 10.35 -11.32 -3.90
N GLN A 58 11.29 -10.39 -4.03
CA GLN A 58 11.96 -9.81 -2.85
C GLN A 58 10.95 -9.11 -1.94
N ILE A 59 10.02 -8.37 -2.53
CA ILE A 59 8.99 -7.67 -1.76
C ILE A 59 8.08 -8.64 -1.01
N ILE A 60 7.62 -9.66 -1.71
CA ILE A 60 6.70 -10.64 -1.10
C ILE A 60 7.40 -11.37 0.05
N ASN A 61 8.62 -11.83 -0.16
CA ASN A 61 9.38 -12.47 0.90
C ASN A 61 9.60 -11.55 2.08
N ALA A 62 9.90 -10.27 1.82
CA ALA A 62 10.18 -9.31 2.88
C ALA A 62 8.95 -9.00 3.72
N VAL A 63 7.78 -8.78 3.10
CA VAL A 63 6.57 -8.46 3.87
C VAL A 63 6.12 -9.63 4.73
N GLN A 64 6.32 -10.85 4.22
CA GLN A 64 6.01 -12.06 4.99
C GLN A 64 6.98 -12.27 6.14
N GLU A 65 8.27 -12.25 5.82
CA GLU A 65 9.29 -12.53 6.82
C GLU A 65 9.36 -11.46 7.91
N GLY A 66 9.34 -10.19 7.52
CA GLY A 66 9.51 -9.09 8.46
C GLY A 66 8.26 -8.76 9.26
N PHE A 67 7.08 -8.89 8.64
CA PHE A 67 5.83 -8.46 9.28
C PHE A 67 4.70 -9.48 9.35
N ASN A 68 4.89 -10.66 8.77
CA ASN A 68 3.82 -11.68 8.68
C ASN A 68 2.60 -11.19 7.87
N PHE A 69 2.85 -10.41 6.82
CA PHE A 69 1.80 -10.09 5.85
C PHE A 69 1.37 -11.40 5.20
N ASP A 70 0.07 -11.61 5.01
CA ASP A 70 -0.39 -12.88 4.44
C ASP A 70 -0.10 -12.96 2.94
N ASN A 71 0.07 -14.19 2.47
CA ASN A 71 0.55 -14.47 1.13
C ASN A 71 -0.35 -13.92 0.02
N GLN A 72 -1.65 -14.15 0.13
CA GLN A 72 -2.58 -13.67 -0.90
C GLN A 72 -2.54 -12.15 -1.00
N ALA A 73 -2.58 -11.48 0.14
CA ALA A 73 -2.51 -10.02 0.20
C ALA A 73 -1.19 -9.49 -0.36
N ALA A 74 -0.09 -10.16 0.00
CA ALA A 74 1.24 -9.78 -0.49
C ALA A 74 1.33 -9.89 -2.02
N ILE A 75 0.82 -11.00 -2.55
CA ILE A 75 0.83 -11.24 -3.99
C ILE A 75 -0.01 -10.18 -4.70
N PHE A 76 -1.24 -9.94 -4.25
CA PHE A 76 -2.09 -8.98 -4.96
C PHE A 76 -1.47 -7.58 -4.96
N ALA A 77 -1.04 -7.11 -3.79
CA ALA A 77 -0.49 -5.76 -3.69
C ALA A 77 0.78 -5.58 -4.49
N THR A 78 1.68 -6.56 -4.40
CA THR A 78 2.98 -6.46 -5.04
C THR A 78 2.85 -6.45 -6.55
N TYR A 79 2.11 -7.40 -7.10
CA TYR A 79 1.94 -7.45 -8.56
C TYR A 79 1.09 -6.31 -9.11
N ALA A 80 0.13 -5.81 -8.32
CA ALA A 80 -0.61 -4.62 -8.74
C ALA A 80 0.34 -3.43 -8.85
N ALA A 81 1.13 -3.20 -7.80
CA ALA A 81 2.11 -2.11 -7.82
C ALA A 81 3.13 -2.26 -8.96
N HIS A 82 3.64 -3.46 -9.15
CA HIS A 82 4.65 -3.71 -10.18
C HIS A 82 4.07 -3.47 -11.58
N LEU A 83 2.86 -3.94 -11.83
CA LEU A 83 2.22 -3.74 -13.13
C LEU A 83 2.10 -2.27 -13.52
N VAL A 84 1.73 -1.42 -12.58
CA VAL A 84 1.49 0.00 -12.88
C VAL A 84 2.68 0.92 -12.62
N ASP A 85 3.59 0.51 -11.73
CA ASP A 85 4.71 1.36 -11.29
C ASP A 85 6.11 0.80 -11.54
N GLY A 86 6.23 -0.50 -11.86
CA GLY A 86 7.53 -1.16 -11.99
C GLY A 86 7.91 -1.40 -13.44
N ASN A 87 9.15 -1.84 -13.62
CA ASN A 87 9.65 -2.18 -14.95
C ASN A 87 9.49 -3.68 -15.15
N LEU A 88 8.63 -4.02 -16.11
CA LEU A 88 8.23 -5.41 -16.31
C LEU A 88 9.30 -6.25 -17.01
N ILE A 89 10.21 -5.59 -17.73
CA ILE A 89 11.31 -6.26 -18.41
C ILE A 89 12.46 -6.59 -17.44
N THR A 90 12.88 -5.60 -16.65
CA THR A 90 13.96 -5.81 -15.67
C THR A 90 13.50 -6.47 -14.37
N ASP A 91 12.18 -6.48 -14.13
CA ASP A 91 11.56 -7.08 -12.93
C ASP A 91 11.90 -6.28 -11.67
N LEU A 92 12.04 -4.96 -11.82
CA LEU A 92 12.42 -4.08 -10.70
C LEU A 92 11.38 -3.00 -10.46
N LEU A 93 11.14 -2.71 -9.18
CA LEU A 93 10.19 -1.70 -8.75
C LEU A 93 10.84 -0.84 -7.69
N SER A 94 10.70 0.47 -7.84
CA SER A 94 11.08 1.43 -6.81
C SER A 94 9.96 1.58 -5.80
N ILE A 95 10.31 1.54 -4.52
CA ILE A 95 9.34 1.76 -3.45
C ILE A 95 9.05 3.25 -3.23
N GLY A 96 9.68 4.12 -4.01
CA GLY A 96 9.43 5.56 -3.92
C GLY A 96 9.46 6.23 -5.28
N ARG A 97 10.39 7.16 -5.45
N ARG A 97 10.39 7.16 -5.45
CA ARG A 97 10.43 7.99 -6.64
CA ARG A 97 10.43 7.99 -6.64
C ARG A 97 10.90 7.22 -7.87
C ARG A 97 10.90 7.21 -7.86
N LYS A 98 10.61 7.78 -9.03
CA LYS A 98 11.09 7.24 -10.29
C LYS A 98 12.61 7.29 -10.30
N THR A 99 13.22 6.24 -10.83
CA THR A 99 14.68 6.12 -10.81
C THR A 99 15.15 5.39 -12.05
N ARG A 100 16.31 5.81 -12.55
CA ARG A 100 16.99 5.08 -13.62
C ARG A 100 17.46 3.69 -13.18
N LEU A 101 17.50 3.43 -11.87
CA LEU A 101 17.87 2.11 -11.37
C LEU A 101 16.92 0.96 -11.73
N THR A 102 15.69 1.26 -12.13
CA THR A 102 14.78 0.22 -12.62
C THR A 102 15.00 -0.17 -14.10
N GLY A 103 15.93 0.52 -14.77
CA GLY A 103 16.40 0.11 -16.09
C GLY A 103 15.77 0.91 -17.22
N PRO A 104 16.00 0.48 -18.48
CA PRO A 104 15.46 1.19 -19.64
C PRO A 104 13.94 1.20 -19.64
N ASP A 105 13.36 2.38 -19.81
CA ASP A 105 11.91 2.54 -19.73
C ASP A 105 11.18 1.98 -20.95
N PRO A 106 9.94 1.49 -20.74
CA PRO A 106 9.06 1.16 -21.86
C PRO A 106 8.57 2.44 -22.52
N PRO A 107 7.90 2.31 -23.67
CA PRO A 107 7.42 3.53 -24.33
C PRO A 107 6.25 4.18 -23.59
N PRO A 108 6.01 5.49 -23.81
CA PRO A 108 4.79 6.11 -23.32
C PRO A 108 3.58 5.37 -23.89
N PRO A 109 2.46 5.31 -23.17
CA PRO A 109 2.15 6.09 -21.97
C PRO A 109 2.55 5.47 -20.61
N ALA A 110 3.24 4.33 -20.61
CA ALA A 110 3.74 3.73 -19.36
C ALA A 110 4.72 4.70 -18.70
N SER A 111 4.62 4.84 -17.38
CA SER A 111 5.41 5.82 -16.63
C SER A 111 6.56 5.22 -15.81
N VAL A 112 6.41 3.98 -15.34
CA VAL A 112 7.38 3.30 -14.44
C VAL A 112 7.89 4.31 -13.40
N GLY A 113 6.93 4.86 -12.67
CA GLY A 113 7.16 5.98 -11.77
C GLY A 113 7.48 5.64 -10.34
N GLY A 114 7.57 4.34 -10.00
CA GLY A 114 7.75 3.90 -8.63
C GLY A 114 6.45 4.08 -7.85
N LEU A 115 6.47 3.71 -6.58
CA LEU A 115 5.27 3.86 -5.74
C LEU A 115 4.83 5.31 -5.53
N ASN A 116 5.72 6.28 -5.75
CA ASN A 116 5.36 7.69 -5.69
C ASN A 116 4.40 8.14 -6.80
N GLU A 117 4.27 7.37 -7.87
CA GLU A 117 3.42 7.77 -8.98
C GLU A 117 1.97 7.93 -8.53
N HIS A 118 1.44 9.15 -8.63
CA HIS A 118 0.08 9.42 -8.18
C HIS A 118 -0.96 8.83 -9.12
N GLY A 119 -1.98 8.21 -8.53
CA GLY A 119 -3.17 7.78 -9.27
C GLY A 119 -3.11 6.39 -9.86
N THR A 120 -1.97 5.70 -9.72
CA THR A 120 -1.83 4.32 -10.15
C THR A 120 -2.11 3.41 -8.96
N PHE A 121 -1.20 3.39 -7.98
CA PHE A 121 -1.43 2.71 -6.70
C PHE A 121 -1.65 3.80 -5.64
N GLU A 122 -0.67 4.66 -5.47
CA GLU A 122 -0.77 5.75 -4.48
C GLU A 122 -1.98 6.63 -4.76
N GLY A 123 -2.63 7.10 -3.70
CA GLY A 123 -3.75 8.03 -3.84
C GLY A 123 -4.03 8.89 -2.62
N ASP A 124 -5.12 9.63 -2.73
CA ASP A 124 -5.47 10.67 -1.76
C ASP A 124 -5.99 10.16 -0.43
N ALA A 125 -6.04 11.06 0.54
CA ALA A 125 -6.53 10.82 1.91
C ALA A 125 -5.69 9.78 2.66
N SER A 126 -4.38 9.75 2.40
CA SER A 126 -3.45 8.98 3.22
C SER A 126 -3.41 9.57 4.63
N MET A 127 -3.02 8.77 5.61
CA MET A 127 -3.04 9.19 7.02
C MET A 127 -1.90 10.13 7.37
N THR A 128 -0.69 9.81 6.92
CA THR A 128 0.52 10.55 7.30
C THR A 128 1.25 11.21 6.14
N ARG A 129 0.71 11.07 4.93
CA ARG A 129 1.26 11.69 3.71
C ARG A 129 0.19 12.60 3.13
N GLY A 130 0.59 13.74 2.57
CA GLY A 130 -0.35 14.65 1.94
C GLY A 130 -0.79 14.19 0.56
N ASP A 131 -1.93 14.70 0.11
CA ASP A 131 -2.40 14.46 -1.25
C ASP A 131 -1.41 15.05 -2.25
N ALA A 132 -1.27 14.40 -3.39
CA ALA A 132 -0.32 14.84 -4.43
C ALA A 132 -0.57 16.30 -4.87
N PHE A 133 -1.84 16.73 -4.87
CA PHE A 133 -2.18 18.13 -5.21
C PHE A 133 -1.44 19.15 -4.35
N PHE A 134 -1.14 18.80 -3.10
CA PHE A 134 -0.49 19.72 -2.17
C PHE A 134 1.04 19.70 -2.25
N GLY A 135 1.59 18.90 -3.15
CA GLY A 135 3.01 19.00 -3.52
C GLY A 135 3.92 17.85 -3.13
N ASN A 136 3.44 16.92 -2.31
CA ASN A 136 4.30 15.82 -1.83
C ASN A 136 3.46 14.68 -1.28
N ASN A 137 3.40 13.60 -2.06
CA ASN A 137 2.57 12.45 -1.71
C ASN A 137 3.34 11.32 -1.00
N HIS A 138 4.58 11.56 -0.61
CA HIS A 138 5.44 10.45 -0.15
C HIS A 138 6.18 10.67 1.16
N ASP A 139 6.59 11.90 1.46
CA ASP A 139 7.35 12.15 2.69
C ASP A 139 6.41 12.15 3.90
N PHE A 140 6.94 11.70 5.04
CA PHE A 140 6.26 11.81 6.32
C PHE A 140 5.89 13.27 6.58
N ASN A 141 4.65 13.48 7.03
CA ASN A 141 4.15 14.80 7.35
C ASN A 141 3.85 14.87 8.83
N GLU A 142 4.54 15.76 9.53
CA GLU A 142 4.43 15.90 10.98
C GLU A 142 3.06 16.36 11.44
N THR A 143 2.48 17.33 10.73
CA THR A 143 1.15 17.83 11.07
C THR A 143 0.11 16.72 10.99
N LEU A 144 0.17 15.93 9.92
CA LEU A 144 -0.74 14.81 9.74
C LEU A 144 -0.51 13.73 10.80
N PHE A 145 0.76 13.45 11.10
CA PHE A 145 1.04 12.50 12.16
C PHE A 145 0.51 12.99 13.52
N GLU A 146 0.66 14.27 13.81
CA GLU A 146 0.12 14.85 15.06
C GLU A 146 -1.41 14.74 15.14
N GLN A 147 -2.08 14.80 13.98
CA GLN A 147 -3.50 14.54 13.91
C GLN A 147 -3.82 13.07 14.22
N LEU A 148 -3.00 12.16 13.72
CA LEU A 148 -3.13 10.74 14.07
C LEU A 148 -2.99 10.54 15.58
N VAL A 149 -2.01 11.22 16.18
CA VAL A 149 -1.82 11.18 17.63
C VAL A 149 -3.07 11.71 18.35
N ASP A 150 -3.59 12.85 17.89
CA ASP A 150 -4.79 13.43 18.49
C ASP A 150 -5.99 12.49 18.42
N TYR A 151 -6.19 11.85 17.27
CA TYR A 151 -7.28 10.90 17.10
C TYR A 151 -7.08 9.65 17.96
N SER A 152 -5.83 9.24 18.15
CA SER A 152 -5.49 8.15 19.05
C SER A 152 -5.80 8.50 20.51
N ASN A 153 -5.48 9.74 20.89
CA ASN A 153 -5.84 10.24 22.23
C ASN A 153 -7.35 10.28 22.45
N ARG A 154 -8.09 10.73 21.43
CA ARG A 154 -9.54 10.90 21.53
C ARG A 154 -10.35 9.61 21.47
N PHE A 155 -9.95 8.67 20.61
CA PHE A 155 -10.74 7.46 20.35
C PHE A 155 -10.06 6.15 20.72
N GLY A 156 -8.79 6.20 21.11
CA GLY A 156 -8.02 4.99 21.40
C GLY A 156 -7.31 4.96 22.74
N GLY A 157 -7.68 5.85 23.66
CA GLY A 157 -7.00 5.94 24.94
C GLY A 157 -5.51 6.20 24.82
N GLY A 158 -5.13 6.91 23.76
CA GLY A 158 -3.74 7.20 23.48
C GLY A 158 -3.03 6.23 22.55
N LYS A 159 -3.72 5.16 22.15
CA LYS A 159 -3.19 4.17 21.20
C LYS A 159 -3.97 4.24 19.90
N TYR A 160 -3.35 3.78 18.82
CA TYR A 160 -4.03 3.65 17.55
C TYR A 160 -4.65 2.26 17.50
N ASN A 161 -5.95 2.20 17.27
CA ASN A 161 -6.65 0.94 17.10
C ASN A 161 -7.72 1.10 16.02
N LEU A 162 -8.50 0.05 15.75
CA LEU A 162 -9.49 0.13 14.66
C LEU A 162 -10.56 1.21 14.85
N THR A 163 -10.91 1.56 16.08
CA THR A 163 -11.85 2.65 16.34
C THR A 163 -11.24 3.97 15.88
N VAL A 164 -9.97 4.17 16.20
CA VAL A 164 -9.24 5.36 15.76
C VAL A 164 -9.16 5.40 14.23
N ALA A 165 -8.84 4.25 13.63
CA ALA A 165 -8.78 4.13 12.17
C ALA A 165 -10.09 4.56 11.51
N GLY A 166 -11.22 4.11 12.06
CA GLY A 166 -12.54 4.48 11.53
C GLY A 166 -12.78 5.98 11.52
N GLU A 167 -12.39 6.64 12.61
CA GLU A 167 -12.57 8.08 12.70
C GLU A 167 -11.58 8.87 11.84
N LEU A 168 -10.32 8.45 11.84
CA LEU A 168 -9.27 9.16 11.09
C LEU A 168 -9.46 8.99 9.58
N ARG A 169 -9.84 7.79 9.16
CA ARG A 169 -10.13 7.54 7.75
C ARG A 169 -11.15 8.54 7.22
N PHE A 170 -12.24 8.71 7.96
CA PHE A 170 -13.28 9.66 7.59
C PHE A 170 -12.80 11.11 7.63
N LYS A 171 -12.06 11.48 8.67
N LYS A 171 -12.06 11.48 8.67
CA LYS A 171 -11.51 12.85 8.78
CA LYS A 171 -11.51 12.83 8.79
C LYS A 171 -10.67 13.19 7.55
C LYS A 171 -10.63 13.22 7.59
N ARG A 172 -9.79 12.28 7.14
CA ARG A 172 -8.91 12.53 5.99
C ARG A 172 -9.70 12.70 4.71
N ILE A 173 -10.72 11.86 4.52
CA ILE A 173 -11.61 12.00 3.38
C ILE A 173 -12.29 13.38 3.38
N GLN A 174 -12.86 13.77 4.51
N GLN A 174 -12.88 13.75 4.51
CA GLN A 174 -13.56 15.04 4.60
CA GLN A 174 -13.55 15.05 4.65
C GLN A 174 -12.63 16.24 4.41
C GLN A 174 -12.61 16.22 4.38
N ASP A 175 -11.40 16.14 4.91
CA ASP A 175 -10.41 17.20 4.69
C ASP A 175 -10.00 17.32 3.23
N SER A 176 -9.80 16.20 2.55
CA SER A 176 -9.53 16.22 1.10
C SER A 176 -10.71 16.78 0.30
N ILE A 177 -11.93 16.42 0.66
CA ILE A 177 -13.11 16.99 -0.03
C ILE A 177 -13.13 18.51 0.11
N ALA A 178 -12.80 18.99 1.30
CA ALA A 178 -12.85 20.42 1.61
C ALA A 178 -11.74 21.28 1.01
N THR A 179 -10.62 20.66 0.63
CA THR A 179 -9.41 21.40 0.24
C THR A 179 -8.74 20.98 -1.07
N ASN A 180 -8.97 19.75 -1.53
CA ASN A 180 -8.33 19.25 -2.74
C ASN A 180 -9.36 19.20 -3.88
N PRO A 181 -9.33 20.19 -4.79
CA PRO A 181 -10.33 20.21 -5.88
C PRO A 181 -10.22 19.02 -6.85
N ASN A 182 -9.08 18.31 -6.81
CA ASN A 182 -8.83 17.15 -7.64
C ASN A 182 -8.99 15.83 -6.88
N PHE A 183 -9.51 15.86 -5.67
CA PHE A 183 -9.65 14.66 -4.84
C PHE A 183 -10.31 13.51 -5.59
N SER A 184 -9.68 12.34 -5.60
CA SER A 184 -10.23 11.16 -6.27
C SER A 184 -10.26 10.00 -5.29
N PHE A 185 -11.40 9.32 -5.21
CA PHE A 185 -11.60 8.28 -4.21
C PHE A 185 -12.46 7.17 -4.80
N VAL A 186 -11.94 6.55 -5.84
CA VAL A 186 -12.66 5.52 -6.58
C VAL A 186 -11.81 4.27 -6.77
N ASP A 187 -12.48 3.20 -7.16
CA ASP A 187 -11.84 1.93 -7.58
C ASP A 187 -10.70 1.50 -6.68
N PHE A 188 -9.49 1.34 -7.21
CA PHE A 188 -8.42 0.71 -6.44
C PHE A 188 -8.07 1.51 -5.19
N ARG A 189 -8.04 2.84 -5.29
CA ARG A 189 -7.74 3.68 -4.13
C ARG A 189 -8.82 3.61 -3.05
N PHE A 190 -10.08 3.51 -3.47
CA PHE A 190 -11.19 3.34 -2.54
C PHE A 190 -10.97 2.11 -1.66
N PHE A 191 -10.52 1.01 -2.25
CA PHE A 191 -10.25 -0.21 -1.47
C PHE A 191 -9.02 -0.05 -0.57
N THR A 192 -7.90 0.37 -1.14
CA THR A 192 -6.64 0.43 -0.39
C THR A 192 -6.67 1.45 0.74
N ALA A 193 -7.38 2.55 0.54
CA ALA A 193 -7.51 3.58 1.58
C ALA A 193 -8.11 3.04 2.88
N TYR A 194 -9.05 2.11 2.76
CA TYR A 194 -9.62 1.47 3.95
C TYR A 194 -8.70 0.42 4.55
N GLY A 195 -8.20 -0.49 3.72
CA GLY A 195 -7.35 -1.55 4.23
C GLY A 195 -6.09 -1.05 4.91
N GLU A 196 -5.45 -0.04 4.33
N GLU A 196 -5.45 -0.04 4.33
CA GLU A 196 -4.21 0.52 4.89
CA GLU A 196 -4.21 0.52 4.87
C GLU A 196 -4.36 1.03 6.31
C GLU A 196 -4.36 1.04 6.30
N THR A 197 -5.54 1.52 6.67
CA THR A 197 -5.77 2.03 8.03
C THR A 197 -5.77 0.92 9.09
N THR A 198 -5.97 -0.34 8.69
CA THR A 198 -5.91 -1.45 9.63
C THR A 198 -4.47 -1.92 9.88
N PHE A 199 -3.58 -1.66 8.92
CA PHE A 199 -2.24 -2.24 8.96
C PHE A 199 -1.44 -1.86 10.20
N PRO A 200 -1.52 -0.59 10.66
CA PRO A 200 -0.76 -0.28 11.88
C PRO A 200 -1.23 -1.10 13.11
N ALA A 201 -2.54 -1.33 13.22
CA ALA A 201 -3.10 -2.12 14.32
C ALA A 201 -2.78 -3.61 14.19
N ASN A 202 -2.70 -4.10 12.96
CA ASN A 202 -2.53 -5.54 12.69
C ASN A 202 -1.07 -5.98 12.58
N LEU A 203 -0.19 -5.07 12.15
CA LEU A 203 1.18 -5.41 11.76
C LEU A 203 2.28 -4.63 12.46
N PHE A 204 2.01 -3.42 12.95
CA PHE A 204 3.01 -2.66 13.71
C PHE A 204 2.93 -2.88 15.23
N VAL A 205 1.95 -3.66 15.69
CA VAL A 205 1.81 -4.04 17.09
C VAL A 205 2.67 -5.28 17.34
N ASP A 206 3.52 -5.21 18.37
CA ASP A 206 4.44 -6.31 18.71
C ASP A 206 3.65 -7.60 18.81
N GLY A 207 4.13 -8.67 18.14
CA GLY A 207 3.38 -9.91 18.03
C GLY A 207 3.20 -10.71 19.30
N ARG A 208 3.98 -10.42 20.33
CA ARG A 208 3.77 -11.04 21.65
C ARG A 208 2.53 -10.50 22.35
N ARG A 209 2.08 -9.31 21.95
N ARG A 209 2.06 -9.34 21.92
CA ARG A 209 0.82 -8.74 22.43
CA ARG A 209 0.86 -8.73 22.43
C ARG A 209 -0.30 -8.98 21.43
C ARG A 209 -0.30 -8.94 21.46
N ASP A 210 -0.11 -8.55 20.20
CA ASP A 210 -1.13 -8.68 19.13
C ASP A 210 -2.55 -8.24 19.56
N ASP A 211 -2.63 -7.15 20.32
CA ASP A 211 -3.89 -6.70 20.89
C ASP A 211 -4.55 -5.58 20.10
N GLY A 212 -3.97 -5.22 18.96
CA GLY A 212 -4.50 -4.17 18.11
C GLY A 212 -4.36 -2.76 18.63
N GLN A 213 -3.50 -2.55 19.64
CA GLN A 213 -3.35 -1.22 20.25
C GLN A 213 -1.91 -0.75 20.03
N LEU A 214 -1.73 0.14 19.06
CA LEU A 214 -0.39 0.61 18.69
C LEU A 214 -0.04 1.87 19.48
N ASP A 215 1.05 1.83 20.23
CA ASP A 215 1.51 3.02 20.95
C ASP A 215 2.15 4.03 20.00
N MET A 216 2.15 5.30 20.41
CA MET A 216 2.61 6.39 19.55
C MET A 216 4.12 6.43 19.33
N ASP A 217 4.90 5.91 20.27
CA ASP A 217 6.36 5.82 20.06
C ASP A 217 6.68 4.86 18.94
N ALA A 218 6.08 3.66 18.99
CA ALA A 218 6.18 2.71 17.89
C ALA A 218 5.63 3.28 16.59
N ALA A 219 4.48 3.95 16.65
CA ALA A 219 3.87 4.52 15.45
C ALA A 219 4.81 5.52 14.77
N ARG A 220 5.38 6.43 15.55
CA ARG A 220 6.33 7.39 14.98
C ARG A 220 7.56 6.69 14.41
N SER A 221 8.07 5.68 15.11
CA SER A 221 9.25 4.94 14.66
C SER A 221 9.04 4.37 13.25
N PHE A 222 7.89 3.72 13.02
CA PHE A 222 7.58 3.18 11.70
C PHE A 222 7.26 4.27 10.68
N PHE A 223 6.31 5.14 11.02
CA PHE A 223 5.79 6.12 10.04
C PHE A 223 6.82 7.17 9.63
N GLN A 224 7.65 7.62 10.57
CA GLN A 224 8.62 8.67 10.28
C GLN A 224 9.99 8.10 9.92
N PHE A 225 10.50 7.20 10.75
CA PHE A 225 11.88 6.75 10.64
C PHE A 225 12.11 5.42 9.95
N SER A 226 11.04 4.76 9.54
CA SER A 226 11.15 3.44 8.90
C SER A 226 11.94 2.48 9.78
N ARG A 227 11.66 2.51 11.09
N ARG A 227 11.65 2.50 11.08
CA ARG A 227 12.47 1.83 12.09
CA ARG A 227 12.47 1.82 12.09
C ARG A 227 11.61 1.00 13.02
C ARG A 227 11.61 1.00 13.02
N MET A 228 11.91 -0.29 13.13
CA MET A 228 11.26 -1.18 14.09
C MET A 228 11.71 -0.78 15.49
N PRO A 229 10.77 -0.80 16.45
CA PRO A 229 11.19 -0.65 17.85
C PRO A 229 12.26 -1.67 18.23
N ASP A 230 13.11 -1.28 19.17
CA ASP A 230 14.10 -2.20 19.74
C ASP A 230 13.34 -3.43 20.24
N ASP A 231 13.83 -4.61 19.88
CA ASP A 231 13.25 -5.91 20.27
C ASP A 231 11.90 -6.22 19.62
N PHE A 232 11.58 -5.59 18.49
CA PHE A 232 10.29 -5.81 17.84
C PHE A 232 10.08 -7.26 17.37
N PHE A 233 9.00 -7.87 17.84
CA PHE A 233 8.52 -9.15 17.34
C PHE A 233 7.42 -8.91 16.31
N ARG A 234 7.50 -9.59 15.18
CA ARG A 234 6.42 -9.57 14.19
C ARG A 234 5.16 -10.24 14.73
N ALA A 235 4.05 -9.97 14.05
CA ALA A 235 2.76 -10.58 14.33
C ALA A 235 2.85 -12.11 14.41
N PRO A 236 1.98 -12.74 15.22
CA PRO A 236 2.05 -14.18 15.48
C PRO A 236 1.39 -15.09 14.45
N SER A 237 0.79 -14.52 13.42
CA SER A 237 0.15 -15.28 12.35
C SER A 237 0.05 -14.40 11.11
N PRO A 238 -0.18 -15.01 9.93
CA PRO A 238 -0.30 -14.19 8.72
C PRO A 238 -1.59 -13.37 8.71
N ARG A 239 -1.48 -12.08 8.39
CA ARG A 239 -2.65 -11.23 8.25
C ARG A 239 -2.34 -9.99 7.44
N SER A 240 -3.38 -9.28 7.06
CA SER A 240 -3.24 -7.98 6.43
C SER A 240 -4.33 -7.06 6.93
N GLY A 241 -5.52 -7.16 6.31
CA GLY A 241 -6.59 -6.19 6.51
C GLY A 241 -7.71 -6.58 7.44
N THR A 242 -7.50 -7.55 8.33
N THR A 242 -7.44 -7.50 8.39
CA THR A 242 -8.58 -8.00 9.19
CA THR A 242 -8.40 -7.90 9.42
C THR A 242 -9.03 -6.83 10.10
C THR A 242 -9.02 -6.69 10.09
N GLY A 243 -10.35 -6.67 10.21
CA GLY A 243 -10.99 -5.58 10.93
C GLY A 243 -11.34 -4.37 10.08
N VAL A 244 -11.10 -4.44 8.75
CA VAL A 244 -11.46 -3.33 7.88
C VAL A 244 -12.96 -3.01 7.95
N GLU A 245 -13.77 -4.03 8.22
CA GLU A 245 -15.21 -3.82 8.42
C GLU A 245 -15.54 -2.80 9.51
N VAL A 246 -14.73 -2.75 10.58
CA VAL A 246 -14.92 -1.77 11.66
C VAL A 246 -14.70 -0.35 11.15
N VAL A 247 -13.69 -0.21 10.31
CA VAL A 247 -13.33 1.09 9.76
C VAL A 247 -14.43 1.59 8.82
N VAL A 248 -14.92 0.72 7.95
CA VAL A 248 -16.00 1.07 7.02
C VAL A 248 -17.28 1.41 7.77
N GLN A 249 -17.64 0.53 8.72
N GLN A 249 -17.66 0.55 8.72
CA GLN A 249 -18.85 0.68 9.52
CA GLN A 249 -18.89 0.73 9.51
C GLN A 249 -18.95 2.01 10.29
C GLN A 249 -18.96 2.04 10.27
N ALA A 250 -17.81 2.56 10.69
CA ALA A 250 -17.77 3.83 11.41
C ALA A 250 -18.38 4.97 10.60
N HIS A 251 -18.08 5.01 9.30
CA HIS A 251 -18.55 6.08 8.40
C HIS A 251 -18.64 5.59 6.96
N PRO A 252 -19.68 4.79 6.64
CA PRO A 252 -19.72 4.23 5.29
C PRO A 252 -19.77 5.31 4.21
N MET A 253 -18.92 5.16 3.20
CA MET A 253 -18.79 6.10 2.08
C MET A 253 -19.04 5.39 0.76
N GLN A 254 -19.50 6.16 -0.22
CA GLN A 254 -19.57 5.73 -1.61
C GLN A 254 -18.33 6.26 -2.33
N PRO A 255 -17.85 5.50 -3.35
CA PRO A 255 -16.73 6.00 -4.15
C PRO A 255 -17.13 7.22 -5.00
N GLY A 256 -16.19 8.15 -5.17
CA GLY A 256 -16.46 9.36 -5.91
C GLY A 256 -15.24 10.25 -5.99
N ARG A 257 -15.46 11.48 -6.43
CA ARG A 257 -14.38 12.44 -6.61
C ARG A 257 -14.93 13.85 -6.53
N ASN A 258 -14.08 14.80 -6.14
CA ASN A 258 -14.36 16.21 -6.42
C ASN A 258 -14.25 16.41 -7.93
N VAL A 259 -14.99 17.39 -8.44
CA VAL A 259 -15.12 17.58 -9.90
C VAL A 259 -14.51 18.93 -10.32
N GLY A 260 -13.24 19.12 -9.93
CA GLY A 260 -12.47 20.33 -10.24
C GLY A 260 -12.70 21.52 -9.32
N LYS A 261 -13.45 21.31 -8.24
CA LYS A 261 -13.71 22.33 -7.22
C LYS A 261 -13.75 21.65 -5.87
N ILE A 262 -13.40 22.37 -4.82
CA ILE A 262 -13.61 21.86 -3.46
C ILE A 262 -15.10 21.68 -3.17
N ASN A 263 -15.41 20.79 -2.22
CA ASN A 263 -16.79 20.54 -1.77
C ASN A 263 -17.73 20.23 -2.94
N SER A 264 -17.27 19.37 -3.83
CA SER A 264 -18.09 18.96 -4.98
C SER A 264 -18.05 17.45 -5.14
N TYR A 265 -18.02 16.72 -4.02
CA TYR A 265 -17.84 15.27 -4.08
C TYR A 265 -19.03 14.64 -4.78
N THR A 266 -18.74 13.94 -5.87
CA THR A 266 -19.75 13.40 -6.77
C THR A 266 -19.51 11.90 -6.89
N VAL A 267 -20.55 11.13 -6.57
CA VAL A 267 -20.46 9.68 -6.55
C VAL A 267 -20.32 9.17 -7.98
N ASP A 268 -19.45 8.18 -8.15
CA ASP A 268 -19.18 7.56 -9.43
C ASP A 268 -19.82 6.17 -9.48
N PRO A 269 -20.94 6.01 -10.21
CA PRO A 269 -21.61 4.71 -10.28
C PRO A 269 -20.91 3.66 -11.12
N THR A 270 -19.87 4.05 -11.86
CA THR A 270 -19.07 3.09 -12.62
C THR A 270 -17.89 2.57 -11.80
N SER A 271 -17.65 3.15 -10.62
CA SER A 271 -16.64 2.62 -9.71
C SER A 271 -17.09 1.30 -9.11
N SER A 272 -16.11 0.44 -8.87
CA SER A 272 -16.31 -0.67 -7.94
C SER A 272 -16.50 -0.12 -6.53
N ASP A 273 -17.11 -0.94 -5.67
CA ASP A 273 -17.14 -0.65 -4.23
C ASP A 273 -17.02 -2.00 -3.52
N PHE A 274 -17.24 -2.03 -2.20
CA PHE A 274 -17.07 -3.29 -1.47
C PHE A 274 -18.10 -4.37 -1.80
N SER A 275 -19.19 -4.00 -2.47
CA SER A 275 -20.16 -4.97 -2.97
C SER A 275 -19.71 -5.66 -4.27
N THR A 276 -18.69 -5.12 -4.95
CA THR A 276 -18.23 -5.62 -6.26
C THR A 276 -16.70 -5.76 -6.30
N PRO A 277 -16.14 -6.61 -5.42
CA PRO A 277 -14.68 -6.75 -5.41
C PRO A 277 -14.08 -7.29 -6.72
N CYS A 278 -14.80 -8.17 -7.43
CA CYS A 278 -14.30 -8.67 -8.71
C CYS A 278 -14.22 -7.58 -9.78
N LEU A 279 -15.16 -6.63 -9.76
CA LEU A 279 -15.10 -5.46 -10.64
C LEU A 279 -13.85 -4.61 -10.42
N MET A 280 -13.41 -4.47 -9.17
N MET A 280 -13.41 -4.47 -9.17
CA MET A 280 -12.20 -3.72 -8.86
CA MET A 280 -12.19 -3.72 -8.86
C MET A 280 -10.99 -4.34 -9.56
C MET A 280 -10.99 -4.35 -9.57
N TYR A 281 -10.88 -5.67 -9.49
CA TYR A 281 -9.84 -6.42 -10.22
C TYR A 281 -9.98 -6.25 -11.74
N GLU A 282 -11.19 -6.42 -12.27
CA GLU A 282 -11.38 -6.36 -13.73
C GLU A 282 -11.05 -4.97 -14.30
N LYS A 283 -11.47 -3.91 -13.62
CA LYS A 283 -11.14 -2.56 -14.06
C LYS A 283 -9.66 -2.24 -13.92
N PHE A 284 -9.03 -2.72 -12.85
CA PHE A 284 -7.60 -2.52 -12.69
C PHE A 284 -6.83 -3.07 -13.90
N VAL A 285 -7.19 -4.28 -14.34
CA VAL A 285 -6.54 -4.89 -15.49
C VAL A 285 -6.97 -4.27 -16.82
N ASN A 286 -8.28 -4.22 -17.05
CA ASN A 286 -8.83 -3.75 -18.33
C ASN A 286 -8.61 -2.28 -18.64
N ILE A 287 -8.62 -1.45 -17.59
CA ILE A 287 -8.51 -0.01 -17.74
C ILE A 287 -7.13 0.49 -17.32
N THR A 288 -6.76 0.25 -16.07
CA THR A 288 -5.53 0.86 -15.53
C THR A 288 -4.27 0.30 -16.19
N VAL A 289 -4.10 -1.01 -16.17
CA VAL A 289 -2.91 -1.64 -16.76
C VAL A 289 -2.92 -1.45 -18.28
N LYS A 290 -4.05 -1.76 -18.90
CA LYS A 290 -4.18 -1.66 -20.36
C LYS A 290 -3.90 -0.25 -20.90
N SER A 291 -4.33 0.78 -20.18
CA SER A 291 -4.06 2.17 -20.58
C SER A 291 -2.58 2.53 -20.57
N LEU A 292 -1.80 1.92 -19.68
CA LEU A 292 -0.34 2.12 -19.62
C LEU A 292 0.40 1.37 -20.73
N TYR A 293 -0.16 0.24 -21.14
CA TYR A 293 0.42 -0.62 -22.17
C TYR A 293 -0.66 -0.99 -23.21
N PRO A 294 -1.09 -0.03 -24.04
CA PRO A 294 -2.20 -0.31 -24.97
C PRO A 294 -1.87 -1.29 -26.11
N ASN A 295 -0.66 -1.22 -26.65
CA ASN A 295 -0.26 -2.12 -27.73
C ASN A 295 1.21 -2.52 -27.57
N PRO A 296 1.49 -3.36 -26.55
CA PRO A 296 2.87 -3.70 -26.21
C PRO A 296 3.55 -4.55 -27.26
N THR A 297 4.86 -4.35 -27.39
CA THR A 297 5.70 -5.21 -28.23
C THR A 297 5.84 -6.58 -27.58
N VAL A 298 6.38 -7.52 -28.33
CA VAL A 298 6.44 -8.94 -27.95
C VAL A 298 6.97 -9.24 -26.54
N GLN A 299 8.11 -8.67 -26.16
CA GLN A 299 8.74 -9.00 -24.88
C GLN A 299 7.94 -8.39 -23.73
N LEU A 300 7.37 -7.20 -23.93
CA LEU A 300 6.50 -6.57 -22.93
C LEU A 300 5.18 -7.30 -22.75
N ARG A 301 4.58 -7.73 -23.86
CA ARG A 301 3.33 -8.48 -23.81
C ARG A 301 3.48 -9.76 -23.00
N LYS A 302 4.57 -10.48 -23.23
CA LYS A 302 4.90 -11.69 -22.46
C LYS A 302 5.05 -11.37 -20.96
N ALA A 303 5.79 -10.31 -20.64
CA ALA A 303 5.98 -9.90 -19.24
C ALA A 303 4.67 -9.45 -18.59
N LEU A 304 3.86 -8.69 -19.32
CA LEU A 304 2.52 -8.32 -18.85
C LEU A 304 1.68 -9.53 -18.51
N ASN A 305 1.59 -10.49 -19.44
CA ASN A 305 0.78 -11.69 -19.21
C ASN A 305 1.26 -12.53 -18.01
N THR A 306 2.57 -12.65 -17.84
CA THR A 306 3.13 -13.38 -16.70
C THR A 306 2.76 -12.71 -15.36
N ASN A 307 2.99 -11.40 -15.29
CA ASN A 307 2.67 -10.65 -14.08
C ASN A 307 1.17 -10.54 -13.80
N LEU A 308 0.36 -10.50 -14.87
CA LEU A 308 -1.09 -10.58 -14.72
C LEU A 308 -1.58 -11.94 -14.20
N ASP A 309 -0.92 -13.03 -14.62
CA ASP A 309 -1.20 -14.35 -14.04
C ASP A 309 -0.87 -14.37 -12.55
N PHE A 310 0.27 -13.78 -12.19
CA PHE A 310 0.67 -13.70 -10.78
C PHE A 310 -0.30 -12.86 -9.97
N LEU A 311 -0.71 -11.71 -10.51
CA LEU A 311 -1.74 -10.89 -9.87
C LEU A 311 -2.99 -11.70 -9.56
N PHE A 312 -3.43 -12.50 -10.53
CA PHE A 312 -4.65 -13.29 -10.34
C PHE A 312 -4.56 -14.31 -9.19
N GLN A 313 -3.35 -14.80 -8.91
CA GLN A 313 -3.14 -15.68 -7.74
C GLN A 313 -3.54 -15.00 -6.42
N GLY A 314 -3.40 -13.68 -6.36
CA GLY A 314 -3.77 -12.89 -5.18
C GLY A 314 -5.22 -12.44 -5.10
N VAL A 315 -6.02 -12.73 -6.14
CA VAL A 315 -7.42 -12.34 -6.18
C VAL A 315 -8.24 -13.37 -5.41
N ALA A 316 -9.21 -12.90 -4.63
CA ALA A 316 -10.09 -13.77 -3.85
C ALA A 316 -10.83 -14.74 -4.75
N ALA A 317 -10.94 -15.99 -4.32
CA ALA A 317 -11.64 -17.03 -5.10
C ALA A 317 -13.08 -16.61 -5.35
N GLY A 318 -13.59 -16.99 -6.52
CA GLY A 318 -14.91 -16.55 -6.99
C GLY A 318 -14.82 -15.66 -8.21
N CYS A 319 -13.75 -14.86 -8.31
CA CYS A 319 -13.56 -14.00 -9.48
C CYS A 319 -13.01 -14.80 -10.67
N THR A 320 -13.37 -14.32 -11.85
CA THR A 320 -12.95 -14.88 -13.13
C THR A 320 -11.76 -14.06 -13.63
N GLN A 321 -10.72 -14.74 -14.11
CA GLN A 321 -9.56 -14.05 -14.68
C GLN A 321 -9.93 -13.40 -16.02
N VAL A 322 -9.40 -12.19 -16.24
CA VAL A 322 -9.58 -11.48 -17.51
C VAL A 322 -8.24 -11.35 -18.22
N PHE A 323 -8.31 -11.35 -19.56
CA PHE A 323 -7.14 -11.45 -20.42
C PHE A 323 -7.09 -10.29 -21.42
N PRO A 324 -6.50 -9.15 -21.03
CA PRO A 324 -6.47 -7.97 -21.90
C PRO A 324 -5.63 -8.13 -23.17
N TYR A 325 -4.66 -9.04 -23.15
CA TYR A 325 -3.77 -9.27 -24.30
C TYR A 325 -3.95 -10.68 -24.86
N GLY A 326 -5.10 -11.28 -24.62
CA GLY A 326 -5.35 -12.68 -25.00
C GLY A 326 -4.62 -13.66 -24.11
N ARG A 327 -4.73 -14.94 -24.45
CA ARG A 327 -4.04 -16.01 -23.73
C ARG A 327 -2.84 -16.53 -24.53
#